data_6JCK
#
_entry.id   6JCK
#
_cell.length_a   49.000
_cell.length_b   56.700
_cell.length_c   60.400
_cell.angle_alpha   90.000
_cell.angle_beta   90.000
_cell.angle_gamma   90.000
#
_symmetry.space_group_name_H-M   'P 21 21 2'
#
loop_
_entity.id
_entity.type
_entity.pdbx_description
1 polymer Axin-1
2 polymer 'Segment polarity protein dishevelled homolog DVL-2'
#
loop_
_entity_poly.entity_id
_entity_poly.type
_entity_poly.pdbx_seq_one_letter_code
_entity_poly.pdbx_strand_id
1 'polypeptide(L)'
;DSIVVAYYFCGEPIPDRTLVRGRAVTLGQFKELLTKKGSYRYYFKKVSDEFDCGVVFEEVREDEAVLPVFEEKIIGKVEK
VD
;
A
2 'polypeptide(L)'
;GETKVIYHLDEEETPYLVKIPVPAERITLGDFKSVLQRPAGAKYFFKSMDQDFGVAAEEISDDNARLPCFNGRVVSWLVS
SD
;
B
#
# COMPACT_ATOMS: atom_id res chain seq x y z
N ASP A 1 -15.42 -4.69 -20.94
CA ASP A 1 -16.50 -5.29 -20.15
C ASP A 1 -15.94 -6.14 -19.03
N SER A 2 -14.74 -6.67 -19.25
CA SER A 2 -14.04 -7.46 -18.24
C SER A 2 -12.55 -7.23 -18.42
N ILE A 3 -11.85 -7.08 -17.30
CA ILE A 3 -10.43 -6.75 -17.33
C ILE A 3 -9.63 -7.84 -16.62
N VAL A 4 -8.32 -7.80 -16.85
CA VAL A 4 -7.40 -8.80 -16.32
C VAL A 4 -6.91 -8.34 -14.95
N VAL A 5 -6.71 -9.30 -14.05
CA VAL A 5 -6.17 -9.04 -12.72
C VAL A 5 -5.01 -9.99 -12.46
N ALA A 6 -3.94 -9.45 -11.88
CA ALA A 6 -2.79 -10.22 -11.45
C ALA A 6 -2.27 -9.59 -10.17
N TYR A 7 -2.15 -10.39 -9.11
CA TYR A 7 -1.75 -9.89 -7.80
C TYR A 7 -0.66 -10.78 -7.23
N TYR A 8 -0.08 -10.31 -6.12
CA TYR A 8 0.91 -11.05 -5.36
C TYR A 8 0.30 -11.35 -3.99
N PHE A 9 0.10 -12.63 -3.69
CA PHE A 9 -0.39 -13.03 -2.36
C PHE A 9 0.81 -13.34 -1.48
N CYS A 10 1.46 -12.27 -1.02
CA CYS A 10 2.64 -12.27 -0.16
C CYS A 10 3.74 -13.22 -0.65
N GLY A 11 4.79 -12.66 -1.24
CA GLY A 11 5.91 -13.43 -1.73
C GLY A 11 6.45 -12.92 -3.05
N PRO A 13 3.97 -15.04 -5.65
CA PRO A 13 3.15 -16.17 -6.08
C PRO A 13 2.73 -16.08 -7.55
N ILE A 14 2.58 -14.84 -8.02
CA ILE A 14 1.93 -14.49 -9.28
C ILE A 14 0.81 -15.48 -9.62
N PRO A 15 -0.25 -15.57 -8.82
CA PRO A 15 -1.37 -16.42 -9.20
C PRO A 15 -1.94 -15.99 -10.55
N ASP A 16 -2.48 -16.97 -11.26
CA ASP A 16 -2.82 -16.80 -12.68
C ASP A 16 -3.70 -15.58 -12.90
N ARG A 17 -3.41 -14.85 -13.97
CA ARG A 17 -4.22 -13.69 -14.35
C ARG A 17 -5.67 -14.11 -14.54
N THR A 18 -6.56 -13.52 -13.74
CA THR A 18 -7.97 -13.87 -13.80
C THR A 18 -8.75 -12.78 -14.54
N LEU A 19 -9.84 -13.18 -15.19
CA LEU A 19 -10.78 -12.20 -15.70
C LEU A 19 -11.70 -11.75 -14.58
N VAL A 20 -12.03 -10.46 -14.57
CA VAL A 20 -12.95 -9.89 -13.59
C VAL A 20 -13.90 -8.96 -14.33
N ARG A 21 -15.20 -9.13 -14.11
CA ARG A 21 -16.21 -8.32 -14.77
C ARG A 21 -15.98 -6.84 -14.50
N GLY A 22 -16.35 -6.02 -15.48
CA GLY A 22 -16.03 -4.60 -15.45
C GLY A 22 -17.21 -3.68 -15.28
N ARG A 23 -17.51 -3.34 -14.03
CA ARG A 23 -18.37 -2.22 -13.66
C ARG A 23 -17.58 -1.29 -12.75
N ALA A 24 -16.36 -0.97 -13.18
CA ALA A 24 -15.30 -0.47 -12.31
C ALA A 24 -15.03 -1.47 -11.20
N VAL A 25 -13.97 -2.27 -11.38
CA VAL A 25 -13.66 -3.33 -10.42
C VAL A 25 -13.39 -2.72 -9.06
N THR A 26 -14.08 -3.25 -8.05
CA THR A 26 -14.03 -2.72 -6.70
C THR A 26 -13.11 -3.56 -5.82
N LEU A 27 -12.66 -2.97 -4.71
CA LEU A 27 -11.82 -3.70 -3.77
C LEU A 27 -12.56 -4.88 -3.18
N GLY A 28 -13.84 -4.66 -2.81
CA GLY A 28 -14.65 -5.76 -2.33
C GLY A 28 -14.90 -6.79 -3.41
N GLN A 29 -15.03 -6.33 -4.66
CA GLN A 29 -15.18 -7.24 -5.79
C GLN A 29 -13.93 -8.10 -5.96
N PHE A 30 -12.77 -7.56 -5.58
CA PHE A 30 -11.53 -8.34 -5.64
C PHE A 30 -11.44 -9.33 -4.49
N LYS A 31 -11.72 -8.87 -3.27
CA LYS A 31 -11.53 -9.70 -2.09
C LYS A 31 -12.68 -10.67 -1.85
N GLU A 32 -13.77 -10.58 -2.61
CA GLU A 32 -14.74 -11.66 -2.59
C GLU A 32 -14.24 -12.91 -3.31
N LEU A 33 -13.10 -12.81 -3.99
CA LEU A 33 -12.40 -13.97 -4.53
C LEU A 33 -11.58 -14.69 -3.46
N LEU A 34 -11.53 -14.14 -2.24
CA LEU A 34 -10.64 -14.64 -1.20
C LEU A 34 -11.45 -15.16 -0.03
N THR A 35 -10.85 -16.09 0.72
CA THR A 35 -11.43 -16.67 1.92
C THR A 35 -10.47 -16.48 3.08
N LYS A 36 -11.00 -16.61 4.30
CA LYS A 36 -10.21 -16.51 5.52
C LYS A 36 -9.51 -15.15 5.62
N LYS A 37 -10.18 -14.10 5.17
CA LYS A 37 -9.61 -12.76 5.23
C LYS A 37 -9.82 -12.14 6.60
N GLY A 38 -10.07 -10.84 6.65
CA GLY A 38 -10.18 -10.10 7.89
C GLY A 38 -8.87 -9.44 8.30
N SER A 39 -7.74 -10.10 8.03
CA SER A 39 -6.43 -9.56 8.37
C SER A 39 -5.53 -9.44 7.14
N TYR A 40 -6.10 -9.53 5.95
CA TYR A 40 -5.35 -9.24 4.74
C TYR A 40 -5.10 -7.73 4.63
N ARG A 41 -4.15 -7.37 3.78
CA ARG A 41 -3.83 -5.97 3.53
C ARG A 41 -3.51 -5.81 2.05
N TYR A 42 -4.15 -4.84 1.41
CA TYR A 42 -4.17 -4.73 -0.04
C TYR A 42 -3.42 -3.49 -0.51
N TYR A 43 -2.64 -3.64 -1.56
CA TYR A 43 -2.01 -2.54 -2.26
C TYR A 43 -2.21 -2.77 -3.76
N PHE A 44 -2.16 -1.70 -4.54
CA PHE A 44 -2.39 -1.84 -5.98
C PHE A 44 -1.50 -0.86 -6.72
N LYS A 45 -0.69 -1.38 -7.64
CA LYS A 45 0.24 -0.57 -8.41
C LYS A 45 -0.52 0.48 -9.21
N LYS A 46 -0.23 1.74 -8.92
CA LYS A 46 -0.93 2.87 -9.50
C LYS A 46 0.07 3.89 -10.03
N VAL A 47 -0.29 4.50 -11.16
CA VAL A 47 0.53 5.49 -11.86
C VAL A 47 0.40 6.80 -11.10
N SER A 48 1.37 7.10 -10.24
CA SER A 48 1.30 8.30 -9.41
C SER A 48 2.68 8.55 -8.80
N ASP A 49 3.30 9.64 -9.20
CA ASP A 49 4.47 10.15 -8.48
C ASP A 49 4.06 11.43 -7.76
N GLU A 50 2.93 11.40 -7.06
CA GLU A 50 2.42 12.61 -6.41
C GLU A 50 3.46 13.16 -5.45
N PHE A 51 3.78 14.44 -5.62
CA PHE A 51 4.98 15.03 -5.05
C PHE A 51 4.68 15.77 -3.74
N GLY A 54 8.16 6.77 -8.97
CA GLY A 54 7.31 7.25 -10.03
C GLY A 54 5.91 6.64 -10.03
N VAL A 55 5.84 5.33 -9.79
CA VAL A 55 4.59 4.64 -9.55
C VAL A 55 4.63 4.10 -8.12
N VAL A 56 3.47 3.69 -7.60
CA VAL A 56 3.35 3.31 -6.20
C VAL A 56 2.48 2.06 -6.09
N PHE A 57 2.39 1.53 -4.87
CA PHE A 57 1.42 0.50 -4.48
C PHE A 57 0.56 1.13 -3.39
N GLU A 58 -0.51 1.80 -3.80
CA GLU A 58 -1.37 2.51 -2.86
C GLU A 58 -2.29 1.52 -2.14
N GLU A 59 -2.32 1.61 -0.81
CA GLU A 59 -3.15 0.71 -0.03
C GLU A 59 -4.63 1.07 -0.20
N VAL A 60 -5.45 0.05 -0.46
CA VAL A 60 -6.89 0.20 -0.58
C VAL A 60 -7.54 -0.63 0.52
N ARG A 61 -8.38 0.01 1.33
CA ARG A 61 -8.99 -0.63 2.49
C ARG A 61 -10.50 -0.66 2.47
N GLU A 62 -11.15 0.07 1.57
CA GLU A 62 -12.61 0.16 1.54
C GLU A 62 -13.16 -0.75 0.45
N ASP A 63 -14.16 -1.56 0.82
CA ASP A 63 -14.81 -2.49 -0.09
C ASP A 63 -15.49 -1.78 -1.26
N GLU A 64 -15.48 -0.44 -1.26
CA GLU A 64 -16.16 0.35 -2.26
C GLU A 64 -15.23 1.23 -3.10
N ALA A 65 -13.92 1.21 -2.85
CA ALA A 65 -12.99 2.00 -3.64
C ALA A 65 -12.78 1.38 -5.02
N VAL A 66 -12.66 2.25 -6.04
CA VAL A 66 -12.23 1.79 -7.35
C VAL A 66 -10.79 1.31 -7.30
N LEU A 67 -10.53 0.23 -7.95
CA LEU A 67 -9.15 -0.24 -7.98
C LEU A 67 -8.40 0.41 -9.13
N PRO A 68 -7.19 0.91 -8.88
CA PRO A 68 -6.41 1.55 -9.94
C PRO A 68 -6.10 0.57 -11.07
N VAL A 69 -5.78 1.13 -12.24
CA VAL A 69 -5.49 0.35 -13.43
C VAL A 69 -4.08 0.68 -13.90
N PHE A 70 -3.21 -0.33 -13.89
CA PHE A 70 -1.86 -0.23 -14.43
C PHE A 70 -1.81 -0.98 -15.76
N GLU A 71 -1.11 -0.40 -16.73
CA GLU A 71 -1.06 -0.95 -18.09
C GLU A 71 -2.47 -1.11 -18.63
N GLU A 72 -2.99 -2.34 -18.63
CA GLU A 72 -4.38 -2.62 -18.95
C GLU A 72 -4.94 -3.69 -18.01
N LYS A 73 -4.44 -3.73 -16.77
CA LYS A 73 -4.85 -4.71 -15.78
C LYS A 73 -4.94 -4.01 -14.43
N ILE A 74 -5.11 -4.80 -13.37
CA ILE A 74 -5.02 -4.30 -12.00
C ILE A 74 -3.91 -5.07 -11.29
N ILE A 75 -2.67 -4.68 -11.52
CA ILE A 75 -1.55 -5.31 -10.83
C ILE A 75 -1.63 -4.93 -9.35
N GLY A 76 -1.75 -5.94 -8.49
CA GLY A 76 -1.91 -5.69 -7.07
C GLY A 76 -0.95 -6.48 -6.20
N LYS A 77 -1.13 -6.37 -4.89
CA LYS A 77 -0.23 -7.05 -3.94
C LYS A 77 -0.95 -7.12 -2.60
N VAL A 78 -1.34 -8.33 -2.22
CA VAL A 78 -2.03 -8.58 -0.96
C VAL A 78 -1.10 -9.36 -0.05
N GLU A 79 -0.92 -8.88 1.19
CA GLU A 79 -0.07 -9.56 2.14
C GLU A 79 -0.74 -9.59 3.51
N LYS A 80 -0.31 -10.53 4.34
CA LYS A 80 -0.93 -10.79 5.62
C LYS A 80 -0.17 -10.09 6.74
N VAL A 81 -0.88 -9.76 7.81
CA VAL A 81 -0.27 -9.23 9.03
C VAL A 81 0.03 -10.39 9.96
N ASP A 82 0.36 -10.10 11.21
CA ASP A 82 0.56 -11.13 12.22
C ASP A 82 0.18 -10.62 13.60
N GLU B 2 -4.29 13.87 7.71
CA GLU B 2 -3.86 12.66 7.01
C GLU B 2 -2.60 12.95 6.19
N THR B 3 -1.55 12.16 6.43
CA THR B 3 -0.25 12.38 5.80
C THR B 3 0.04 11.24 4.84
N LYS B 4 0.52 11.58 3.65
CA LYS B 4 0.97 10.58 2.69
C LYS B 4 2.41 10.20 2.98
N VAL B 5 2.65 8.90 3.10
CA VAL B 5 3.97 8.36 3.42
C VAL B 5 4.34 7.35 2.34
N ILE B 6 5.41 7.64 1.60
CA ILE B 6 5.96 6.73 0.59
C ILE B 6 7.23 6.11 1.17
N TYR B 7 7.23 4.80 1.32
CA TYR B 7 8.39 4.10 1.87
C TYR B 7 8.84 3.01 0.91
N HIS B 8 10.17 2.86 0.81
CA HIS B 8 10.78 1.77 0.06
C HIS B 8 11.06 0.62 1.03
N LEU B 9 10.33 -0.48 0.85
CA LEU B 9 10.48 -1.66 1.70
C LEU B 9 11.68 -2.47 1.23
N ASP B 10 12.65 -2.66 2.12
CA ASP B 10 13.90 -3.36 1.80
C ASP B 10 14.53 -2.77 0.54
N GLU B 11 14.36 -3.45 -0.59
CA GLU B 11 14.76 -2.88 -1.88
C GLU B 11 13.85 -3.47 -2.95
N GLU B 12 12.56 -3.22 -2.82
CA GLU B 12 11.62 -3.53 -3.88
C GLU B 12 11.62 -2.41 -4.92
N GLU B 13 11.32 -2.77 -6.17
CA GLU B 13 11.33 -1.79 -7.25
C GLU B 13 10.38 -0.65 -6.97
N THR B 14 9.09 -0.95 -6.84
CA THR B 14 8.04 0.04 -6.63
C THR B 14 7.81 0.25 -5.14
N PRO B 15 7.76 1.49 -4.67
CA PRO B 15 7.51 1.74 -3.25
C PRO B 15 6.02 1.61 -2.94
N TYR B 16 5.69 1.82 -1.66
CA TYR B 16 4.33 1.76 -1.18
C TYR B 16 3.86 3.15 -0.75
N LEU B 17 2.57 3.40 -0.91
CA LEU B 17 1.94 4.63 -0.46
C LEU B 17 0.84 4.28 0.53
N VAL B 18 0.95 4.81 1.74
CA VAL B 18 -0.04 4.58 2.79
C VAL B 18 -0.40 5.92 3.42
N LYS B 19 -1.69 6.18 3.54
CA LYS B 19 -2.18 7.38 4.20
C LYS B 19 -2.39 7.09 5.68
N ILE B 20 -1.84 7.94 6.53
CA ILE B 20 -1.92 7.80 7.99
C ILE B 20 -2.88 8.86 8.50
N PRO B 21 -3.96 8.50 9.20
CA PRO B 21 -4.99 9.48 9.57
C PRO B 21 -4.56 10.47 10.64
N VAL B 22 -3.30 10.87 10.62
CA VAL B 22 -2.77 11.89 11.52
C VAL B 22 -2.28 13.06 10.67
N PRO B 23 -2.81 14.26 10.87
CA PRO B 23 -2.31 15.43 10.12
C PRO B 23 -0.81 15.60 10.30
N ALA B 24 -0.17 16.15 9.26
CA ALA B 24 1.29 16.20 9.17
C ALA B 24 1.94 16.99 10.31
N GLU B 25 1.16 17.67 11.14
CA GLU B 25 1.75 18.37 12.27
C GLU B 25 2.15 17.41 13.39
N ARG B 26 1.59 16.20 13.40
CA ARG B 26 1.76 15.25 14.49
C ARG B 26 2.20 13.87 13.99
N ILE B 27 2.80 13.80 12.80
CA ILE B 27 3.11 12.53 12.18
C ILE B 27 4.34 11.93 12.87
N THR B 28 4.13 10.87 13.65
CA THR B 28 5.18 10.28 14.46
C THR B 28 5.54 8.88 13.96
N LEU B 29 6.76 8.46 14.28
CA LEU B 29 7.16 7.08 14.03
C LEU B 29 6.24 6.11 14.74
N GLY B 30 5.69 6.51 15.90
CA GLY B 30 4.67 5.71 16.54
C GLY B 30 3.45 5.52 15.65
N ASP B 31 3.04 6.57 14.94
CA ASP B 31 1.93 6.46 14.00
C ASP B 31 2.29 5.56 12.82
N PHE B 32 3.51 5.72 12.30
CA PHE B 32 3.96 4.85 11.20
C PHE B 32 3.92 3.38 11.62
N LYS B 33 4.34 3.09 12.85
CA LYS B 33 4.31 1.72 13.34
C LYS B 33 2.88 1.25 13.58
N SER B 34 2.03 2.10 14.15
CA SER B 34 0.63 1.74 14.36
C SER B 34 -0.08 1.47 13.04
N VAL B 35 0.40 2.06 11.95
CA VAL B 35 -0.18 1.77 10.63
C VAL B 35 0.38 0.47 10.08
N LEU B 36 1.72 0.38 9.99
CA LEU B 36 2.34 -0.77 9.34
C LEU B 36 2.10 -2.06 10.11
N GLN B 37 2.44 -2.09 11.39
CA GLN B 37 2.38 -3.29 12.23
C GLN B 37 3.22 -4.41 11.61
N ARG B 38 4.49 -4.10 11.40
CA ARG B 38 5.64 -4.81 10.84
C ARG B 38 6.34 -5.62 11.93
N PRO B 39 6.66 -6.88 11.64
CA PRO B 39 7.45 -7.67 12.58
C PRO B 39 8.80 -7.04 12.87
N ALA B 40 9.29 -7.28 14.08
CA ALA B 40 10.52 -6.68 14.57
C ALA B 40 11.74 -7.42 14.04
N GLY B 41 12.83 -6.67 13.84
CA GLY B 41 12.89 -5.25 14.12
C GLY B 41 13.44 -4.42 12.97
N ALA B 42 12.54 -3.80 12.22
CA ALA B 42 12.93 -3.01 11.07
C ALA B 42 13.50 -1.66 11.50
N LYS B 43 14.36 -1.10 10.66
CA LYS B 43 14.92 0.23 10.85
C LYS B 43 14.32 1.20 9.83
N TYR B 44 14.35 2.48 10.18
CA TYR B 44 13.70 3.51 9.39
C TYR B 44 14.65 4.67 9.14
N PHE B 45 14.64 5.17 7.90
CA PHE B 45 15.38 6.36 7.52
C PHE B 45 14.42 7.30 6.81
N PHE B 46 14.83 8.57 6.67
CA PHE B 46 13.93 9.58 6.12
C PHE B 46 14.69 10.51 5.20
N LYS B 47 13.92 11.32 4.47
CA LYS B 47 14.43 12.15 3.37
C LYS B 47 14.63 13.58 3.87
N SER B 48 15.81 13.84 4.41
CA SER B 48 16.21 15.18 4.82
C SER B 48 17.70 15.19 5.21
N ASP B 62 13.00 7.56 17.13
CA ASP B 62 12.16 7.32 18.30
C ASP B 62 10.69 7.56 17.97
N ASP B 63 9.81 6.97 18.76
CA ASP B 63 8.37 7.12 18.51
C ASP B 63 7.90 8.53 18.80
N ASN B 64 8.43 9.16 19.85
CA ASN B 64 8.03 10.52 20.17
C ASN B 64 8.50 11.51 19.11
N ALA B 65 9.61 11.21 18.44
CA ALA B 65 10.13 12.11 17.42
C ALA B 65 9.22 12.11 16.19
N ARG B 66 9.14 13.28 15.55
CA ARG B 66 8.28 13.45 14.39
C ARG B 66 9.01 13.00 13.13
N LEU B 67 8.27 12.98 12.01
CA LEU B 67 8.83 12.58 10.73
C LEU B 67 8.95 13.77 9.81
N PRO B 68 10.10 13.98 9.16
CA PRO B 68 10.28 15.15 8.30
C PRO B 68 9.48 15.01 7.01
N CYS B 69 8.63 15.99 6.74
CA CYS B 69 7.76 15.98 5.57
C CYS B 69 7.69 17.37 4.97
N PHE B 70 7.90 17.45 3.65
CA PHE B 70 7.72 18.69 2.91
C PHE B 70 6.45 18.56 2.07
N ASN B 71 5.60 19.59 2.14
CA ASN B 71 4.32 19.62 1.43
C ASN B 71 3.48 18.39 1.77
N GLY B 72 3.57 17.94 3.02
CA GLY B 72 2.77 16.82 3.48
C GLY B 72 3.14 15.48 2.90
N ARG B 73 4.39 15.28 2.52
CA ARG B 73 4.87 14.00 1.99
C ARG B 73 6.04 13.52 2.81
N VAL B 74 5.92 12.32 3.37
CA VAL B 74 7.02 11.66 4.06
C VAL B 74 7.62 10.63 3.12
N VAL B 75 8.95 10.54 3.10
CA VAL B 75 9.66 9.56 2.28
C VAL B 75 10.59 8.78 3.20
N SER B 76 10.49 7.46 3.18
CA SER B 76 11.20 6.63 4.14
C SER B 76 11.73 5.37 3.48
N TRP B 77 12.63 4.69 4.18
CA TRP B 77 13.20 3.42 3.77
C TRP B 77 13.14 2.44 4.94
N LEU B 78 12.88 1.17 4.64
CA LEU B 78 12.78 0.12 5.65
C LEU B 78 13.77 -0.98 5.34
N VAL B 79 14.40 -1.52 6.38
CA VAL B 79 15.31 -2.65 6.28
C VAL B 79 14.91 -3.69 7.32
N SER B 80 14.67 -4.92 6.86
CA SER B 80 14.25 -6.00 7.74
C SER B 80 15.32 -6.33 8.77
#